data_3GEK
#
_entry.id   3GEK
#
_cell.length_a   59.948
_cell.length_b   64.056
_cell.length_c   144.657
_cell.angle_alpha   90.00
_cell.angle_beta   90.00
_cell.angle_gamma   90.00
#
_symmetry.space_group_name_H-M   'P 21 21 21'
#
loop_
_entity.id
_entity.type
_entity.pdbx_description
1 polymer 'Putative thioesterase yhdA'
2 water water
#
_entity_poly.entity_id   1
_entity_poly.type   'polypeptide(L)'
_entity_poly.pdbx_seq_one_letter_code
;(MSE)N(MSE)IDQLNITDFQVFTDENSDKFVSKIYKFSSK(MSE)ILSDFHAQPQGFLNGGASLALAEITAG(MSE)AS
NAIGSGQYFAFGQSINANHLNPKKCEGFVNARGLLLKNGKRNHVWEIKITDENETLISQITVVNALVPQKNSDKLEHHHH
HH
;
_entity_poly.pdbx_strand_id   A,B,C,D
#
# COMPACT_ATOMS: atom_id res chain seq x y z
N MSE A 1 -27.87 -15.49 -1.66
CA MSE A 1 -26.99 -14.82 -0.66
C MSE A 1 -25.53 -14.85 -1.10
O MSE A 1 -24.79 -15.79 -0.78
CB MSE A 1 -27.15 -15.48 0.72
CG MSE A 1 -28.22 -14.85 1.61
SE MSE A 1 -27.54 -13.30 2.60
CE MSE A 1 -29.25 -12.67 3.34
N ASN A 2 -25.12 -13.82 -1.85
CA ASN A 2 -23.72 -13.69 -2.23
C ASN A 2 -22.86 -13.19 -1.06
N MSE A 3 -21.56 -13.15 -1.25
CA MSE A 3 -20.61 -12.71 -0.23
C MSE A 3 -20.98 -11.35 0.37
O MSE A 3 -21.00 -11.19 1.58
CB MSE A 3 -19.19 -12.67 -0.77
CG MSE A 3 -18.11 -12.55 0.28
SE MSE A 3 -16.32 -12.35 -0.49
CE MSE A 3 -16.31 -10.42 -0.70
N ILE A 4 -21.28 -10.40 -0.50
CA ILE A 4 -21.65 -9.04 -0.11
C ILE A 4 -22.78 -9.03 0.93
N ASP A 5 -23.86 -9.75 0.64
CA ASP A 5 -25.02 -9.78 1.54
C ASP A 5 -24.72 -10.55 2.82
N GLN A 6 -23.95 -11.62 2.71
CA GLN A 6 -23.59 -12.43 3.87
C GLN A 6 -22.67 -11.70 4.85
N LEU A 7 -21.94 -10.71 4.35
CA LEU A 7 -21.11 -9.84 5.19
C LEU A 7 -21.93 -9.09 6.23
N ASN A 8 -23.24 -8.92 5.97
CA ASN A 8 -24.15 -8.23 6.88
C ASN A 8 -23.68 -6.80 7.20
N ILE A 9 -23.52 -6.00 6.15
CA ILE A 9 -23.23 -4.58 6.28
C ILE A 9 -24.50 -3.83 6.66
N THR A 10 -24.46 -3.12 7.79
CA THR A 10 -25.64 -2.41 8.30
C THR A 10 -25.39 -0.90 8.43
N ASP A 11 -26.47 -0.14 8.59
CA ASP A 11 -26.41 1.29 8.92
C ASP A 11 -25.52 2.10 7.97
N PHE A 12 -25.54 1.77 6.67
CA PHE A 12 -24.73 2.50 5.70
C PHE A 12 -25.30 3.88 5.46
N GLN A 13 -24.45 4.91 5.60
CA GLN A 13 -24.81 6.29 5.26
C GLN A 13 -23.59 7.06 4.79
N VAL A 14 -23.78 7.82 3.71
CA VAL A 14 -22.77 8.72 3.17
C VAL A 14 -23.27 10.16 3.36
N PHE A 15 -22.37 11.06 3.76
CA PHE A 15 -22.76 12.41 4.18
C PHE A 15 -21.63 13.43 4.07
N THR A 16 -22.01 14.71 4.06
CA THR A 16 -21.05 15.80 4.15
C THR A 16 -21.21 16.48 5.50
N ASP A 17 -20.13 17.12 5.97
CA ASP A 17 -20.20 17.94 7.18
C ASP A 17 -20.97 19.22 6.90
N GLU A 18 -21.63 19.76 7.92
CA GLU A 18 -22.33 21.05 7.81
C GLU A 18 -21.38 22.20 7.51
N ASN A 19 -20.12 22.04 7.91
CA ASN A 19 -19.08 23.05 7.66
C ASN A 19 -18.79 23.26 6.18
N SER A 20 -18.71 22.16 5.43
CA SER A 20 -18.43 22.16 4.00
C SER A 20 -19.46 22.89 3.14
N ASP A 21 -20.57 23.29 3.78
CA ASP A 21 -21.71 23.89 3.10
C ASP A 21 -21.34 24.95 2.06
N LYS A 22 -20.67 26.03 2.52
CA LYS A 22 -20.42 27.20 1.67
C LYS A 22 -19.04 27.14 0.96
N PHE A 23 -18.29 26.05 1.18
CA PHE A 23 -17.02 25.83 0.47
C PHE A 23 -17.16 25.09 -0.80
N VAL A 24 -16.06 25.22 -1.77
CA VAL A 24 -16.14 24.58 -3.08
C VAL A 24 -15.79 23.08 -2.95
N SER A 25 -14.82 22.78 -2.09
CA SER A 25 -14.35 21.41 -1.89
C SER A 25 -15.10 20.78 -0.71
N LYS A 26 -16.15 20.02 -1.05
CA LYS A 26 -16.99 19.36 -0.05
C LYS A 26 -16.25 18.19 0.60
N ILE A 27 -16.39 18.06 1.92
CA ILE A 27 -15.78 16.94 2.63
C ILE A 27 -16.78 15.80 2.79
N TYR A 28 -16.52 14.70 2.09
CA TYR A 28 -17.40 13.54 2.07
C TYR A 28 -16.93 12.45 3.04
N LYS A 29 -17.89 11.90 3.77
CA LYS A 29 -17.63 10.82 4.71
C LYS A 29 -18.68 9.75 4.54
N PHE A 30 -18.36 8.52 4.97
CA PHE A 30 -19.36 7.48 5.16
C PHE A 30 -19.22 6.77 6.50
N SER A 31 -20.32 6.16 6.93
CA SER A 31 -20.42 5.36 8.14
C SER A 31 -21.10 4.04 7.82
N SER A 32 -20.78 3.00 8.60
CA SER A 32 -21.43 1.71 8.50
C SER A 32 -21.02 0.79 9.64
N LYS A 33 -21.75 -0.31 9.78
CA LYS A 33 -21.42 -1.34 10.74
C LYS A 33 -21.42 -2.67 10.02
N MSE A 34 -20.65 -3.62 10.53
CA MSE A 34 -20.72 -4.99 10.06
C MSE A 34 -20.96 -5.92 11.26
O MSE A 34 -20.13 -6.00 12.15
CB MSE A 34 -19.45 -5.39 9.31
CG MSE A 34 -19.46 -6.84 8.84
SE MSE A 34 -18.01 -7.21 7.60
CE MSE A 34 -16.54 -7.26 8.89
N ILE A 35 -22.09 -6.59 11.23
CA ILE A 35 -22.47 -7.51 12.31
C ILE A 35 -21.83 -8.87 12.12
N LEU A 36 -21.05 -9.30 13.11
CA LEU A 36 -20.22 -10.50 12.99
C LEU A 36 -20.90 -11.79 13.42
N SER A 37 -20.62 -12.84 12.66
CA SER A 37 -20.94 -14.22 13.02
C SER A 37 -19.72 -15.08 12.69
N ASP A 38 -19.88 -16.40 12.73
CA ASP A 38 -18.81 -17.35 12.36
C ASP A 38 -18.38 -17.20 10.91
N PHE A 39 -19.29 -16.69 10.07
CA PHE A 39 -19.00 -16.39 8.68
C PHE A 39 -17.72 -15.56 8.56
N HIS A 40 -17.52 -14.64 9.49
CA HIS A 40 -16.40 -13.69 9.45
C HIS A 40 -15.13 -14.19 10.15
N ALA A 41 -15.18 -15.40 10.72
CA ALA A 41 -14.10 -15.90 11.57
C ALA A 41 -12.91 -16.46 10.79
N GLN A 42 -11.72 -16.30 11.38
CA GLN A 42 -10.53 -17.04 10.94
C GLN A 42 -10.18 -18.14 11.97
N PRO A 43 -9.29 -19.09 11.63
CA PRO A 43 -9.08 -20.32 12.42
C PRO A 43 -8.95 -20.18 13.94
N GLN A 44 -8.45 -19.04 14.42
CA GLN A 44 -8.21 -18.83 15.85
C GLN A 44 -9.33 -18.07 16.57
N GLY A 45 -10.44 -17.82 15.87
CA GLY A 45 -11.63 -17.22 16.48
C GLY A 45 -11.70 -15.70 16.41
N PHE A 46 -10.74 -15.08 15.72
CA PHE A 46 -10.71 -13.63 15.54
C PHE A 46 -11.42 -13.25 14.24
N LEU A 47 -11.69 -11.95 14.08
CA LEU A 47 -12.22 -11.44 12.83
C LEU A 47 -11.19 -11.61 11.72
N ASN A 48 -11.61 -12.30 10.66
CA ASN A 48 -10.79 -12.52 9.47
C ASN A 48 -10.53 -11.20 8.76
N GLY A 49 -9.27 -11.00 8.36
CA GLY A 49 -8.84 -9.76 7.71
C GLY A 49 -9.47 -9.61 6.33
N GLY A 50 -9.72 -10.74 5.68
CA GLY A 50 -10.40 -10.76 4.38
C GLY A 50 -11.79 -10.14 4.44
N ALA A 51 -12.50 -10.37 5.54
CA ALA A 51 -13.82 -9.78 5.77
C ALA A 51 -13.74 -8.26 5.92
N SER A 52 -12.77 -7.78 6.70
CA SER A 52 -12.50 -6.34 6.85
C SER A 52 -12.09 -5.68 5.54
N LEU A 53 -11.19 -6.34 4.79
CA LEU A 53 -10.79 -5.86 3.47
C LEU A 53 -11.99 -5.71 2.56
N ALA A 54 -12.81 -6.76 2.50
CA ALA A 54 -14.02 -6.77 1.69
C ALA A 54 -14.99 -5.68 2.14
N LEU A 55 -15.15 -5.51 3.45
CA LEU A 55 -16.01 -4.46 4.00
C LEU A 55 -15.55 -3.07 3.51
N ALA A 56 -14.24 -2.84 3.52
CA ALA A 56 -13.68 -1.56 3.10
C ALA A 56 -13.90 -1.29 1.62
N GLU A 57 -13.61 -2.27 0.78
CA GLU A 57 -13.76 -2.13 -0.67
C GLU A 57 -15.23 -1.93 -1.06
N ILE A 58 -16.12 -2.67 -0.39
CA ILE A 58 -17.57 -2.62 -0.69
C ILE A 58 -18.23 -1.31 -0.25
N THR A 59 -17.92 -0.85 0.97
CA THR A 59 -18.47 0.41 1.47
C THR A 59 -17.93 1.64 0.74
N ALA A 60 -16.65 1.59 0.37
CA ALA A 60 -16.02 2.65 -0.41
C ALA A 60 -16.72 2.78 -1.77
N GLY A 61 -16.97 1.62 -2.40
CA GLY A 61 -17.68 1.56 -3.66
C GLY A 61 -19.12 2.07 -3.58
N MSE A 62 -19.79 1.73 -2.49
CA MSE A 62 -21.15 2.20 -2.24
C MSE A 62 -21.19 3.72 -2.04
O MSE A 62 -22.04 4.40 -2.60
CB MSE A 62 -21.75 1.51 -1.02
CG MSE A 62 -21.93 0.00 -1.14
SE MSE A 62 -22.59 -0.79 0.53
CE MSE A 62 -24.43 -0.16 0.41
N ALA A 63 -20.26 4.22 -1.25
CA ALA A 63 -20.10 5.65 -0.99
C ALA A 63 -19.79 6.45 -2.25
N SER A 64 -18.83 5.96 -3.04
CA SER A 64 -18.47 6.59 -4.31
C SER A 64 -19.65 6.67 -5.27
N ASN A 65 -20.38 5.57 -5.42
CA ASN A 65 -21.57 5.52 -6.27
C ASN A 65 -22.67 6.48 -5.83
N ALA A 66 -22.90 6.56 -4.52
CA ALA A 66 -23.85 7.50 -3.95
C ALA A 66 -23.50 8.97 -4.21
N ILE A 67 -22.21 9.30 -4.12
CA ILE A 67 -21.71 10.66 -4.42
C ILE A 67 -21.91 11.02 -5.89
N GLY A 68 -21.58 10.09 -6.78
CA GLY A 68 -21.72 10.30 -8.22
C GLY A 68 -23.16 10.32 -8.70
N SER A 69 -23.93 9.34 -8.24
CA SER A 69 -25.35 9.18 -8.60
CA SER A 69 -25.35 9.19 -8.60
C SER A 69 -25.59 9.28 -10.11
N GLY A 70 -25.43 8.16 -10.81
CA GLY A 70 -25.67 8.11 -12.25
C GLY A 70 -24.56 8.67 -13.12
N GLN A 71 -23.83 9.66 -12.59
CA GLN A 71 -22.72 10.28 -13.31
C GLN A 71 -21.65 9.25 -13.67
N TYR A 72 -21.32 8.41 -12.69
CA TYR A 72 -20.31 7.37 -12.85
C TYR A 72 -20.57 6.16 -11.95
N PHE A 73 -19.90 5.05 -12.26
CA PHE A 73 -19.85 3.89 -11.38
C PHE A 73 -18.41 3.63 -10.92
N ALA A 74 -18.28 3.21 -9.67
CA ALA A 74 -16.97 3.05 -9.04
C ALA A 74 -16.51 1.60 -9.01
N PHE A 75 -15.23 1.39 -9.33
CA PHE A 75 -14.64 0.07 -9.38
C PHE A 75 -13.34 0.09 -8.57
N GLY A 76 -13.19 -0.89 -7.68
CA GLY A 76 -11.97 -1.02 -6.88
C GLY A 76 -10.73 -1.16 -7.74
N GLN A 77 -9.81 -0.22 -7.60
CA GLN A 77 -8.55 -0.23 -8.35
C GLN A 77 -7.39 -0.62 -7.43
N SER A 78 -7.42 -0.12 -6.20
CA SER A 78 -6.32 -0.28 -5.26
C SER A 78 -6.82 -0.37 -3.83
N ILE A 79 -6.12 -1.14 -3.03
CA ILE A 79 -6.44 -1.27 -1.63
C ILE A 79 -5.18 -1.58 -0.82
N ASN A 80 -4.97 -0.79 0.24
CA ASN A 80 -3.90 -1.06 1.19
C ASN A 80 -4.46 -1.11 2.60
N ALA A 81 -4.10 -2.14 3.35
CA ALA A 81 -4.58 -2.31 4.71
C ALA A 81 -3.47 -2.64 5.68
N ASN A 82 -3.57 -2.08 6.88
CA ASN A 82 -2.73 -2.43 7.99
C ASN A 82 -3.65 -2.90 9.12
N HIS A 83 -3.47 -4.14 9.55
CA HIS A 83 -4.24 -4.71 10.65
C HIS A 83 -3.50 -4.42 11.94
N LEU A 84 -4.07 -3.54 12.76
CA LEU A 84 -3.40 -3.03 13.96
C LEU A 84 -3.66 -3.85 15.22
N ASN A 85 -4.93 -4.17 15.46
CA ASN A 85 -5.35 -4.84 16.68
C ASN A 85 -6.29 -6.01 16.37
N PRO A 86 -6.16 -7.11 17.14
CA PRO A 86 -7.05 -8.25 16.89
C PRO A 86 -8.48 -7.98 17.39
N LYS A 87 -9.45 -8.45 16.61
CA LYS A 87 -10.85 -8.38 16.99
C LYS A 87 -11.40 -9.79 17.10
N LYS A 88 -11.85 -10.13 18.31
CA LYS A 88 -12.56 -11.39 18.52
C LYS A 88 -13.84 -11.36 17.68
N CYS A 89 -14.11 -12.46 16.98
CA CYS A 89 -15.20 -12.49 16.01
C CYS A 89 -16.57 -12.61 16.69
N GLU A 90 -17.04 -11.49 17.23
CA GLU A 90 -18.34 -11.38 17.89
C GLU A 90 -18.76 -9.90 17.94
N GLY A 91 -20.05 -9.65 18.13
CA GLY A 91 -20.58 -8.29 18.16
C GLY A 91 -20.53 -7.65 16.78
N PHE A 92 -19.90 -6.48 16.69
CA PHE A 92 -19.82 -5.74 15.43
C PHE A 92 -18.60 -4.83 15.36
N VAL A 93 -18.24 -4.43 14.14
CA VAL A 93 -17.25 -3.39 13.89
C VAL A 93 -17.85 -2.21 13.11
N ASN A 94 -17.24 -1.04 13.24
CA ASN A 94 -17.59 0.13 12.45
C ASN A 94 -16.60 0.30 11.31
N ALA A 95 -17.10 0.70 10.16
CA ALA A 95 -16.25 1.15 9.06
C ALA A 95 -16.64 2.59 8.74
N ARG A 96 -15.68 3.49 8.88
CA ARG A 96 -15.92 4.93 8.64
C ARG A 96 -14.92 5.42 7.64
N GLY A 97 -15.39 6.18 6.66
CA GLY A 97 -14.57 6.64 5.57
C GLY A 97 -14.49 8.14 5.50
N LEU A 98 -13.34 8.63 5.03
CA LEU A 98 -13.14 10.03 4.69
C LEU A 98 -12.60 10.09 3.26
N LEU A 99 -13.25 10.87 2.41
CA LEU A 99 -12.78 11.02 1.05
C LEU A 99 -11.60 12.01 1.00
N LEU A 100 -10.41 11.49 0.73
CA LEU A 100 -9.21 12.31 0.71
C LEU A 100 -9.04 13.00 -0.62
N LYS A 101 -9.57 12.40 -1.67
CA LYS A 101 -9.51 12.98 -3.00
C LYS A 101 -10.76 12.67 -3.81
N ASN A 102 -11.41 13.75 -4.27
CA ASN A 102 -12.53 13.65 -5.18
C ASN A 102 -12.05 14.03 -6.57
N GLY A 103 -11.33 13.11 -7.20
CA GLY A 103 -10.73 13.35 -8.51
C GLY A 103 -11.73 13.11 -9.62
N LYS A 104 -11.33 13.43 -10.84
CA LYS A 104 -12.19 13.25 -12.00
C LYS A 104 -12.34 11.77 -12.36
N ARG A 105 -11.25 11.02 -12.18
CA ARG A 105 -11.16 9.60 -12.55
CA ARG A 105 -11.24 9.60 -12.54
C ARG A 105 -11.01 8.64 -11.37
N ASN A 106 -10.56 9.18 -10.23
CA ASN A 106 -10.33 8.38 -9.02
C ASN A 106 -10.94 8.98 -7.75
N HIS A 107 -11.48 8.12 -6.88
CA HIS A 107 -11.78 8.50 -5.49
C HIS A 107 -10.77 7.81 -4.59
N VAL A 108 -10.21 8.55 -3.63
CA VAL A 108 -9.32 7.96 -2.64
C VAL A 108 -9.95 8.09 -1.26
N TRP A 109 -10.29 6.94 -0.67
CA TRP A 109 -10.94 6.90 0.65
C TRP A 109 -9.97 6.48 1.73
N GLU A 110 -10.02 7.19 2.85
CA GLU A 110 -9.32 6.78 4.06
C GLU A 110 -10.35 6.16 5.00
N ILE A 111 -10.17 4.87 5.30
CA ILE A 111 -11.17 4.10 6.04
C ILE A 111 -10.61 3.50 7.32
N LYS A 112 -11.27 3.81 8.43
CA LYS A 112 -10.89 3.25 9.71
C LYS A 112 -11.90 2.19 10.15
N ILE A 113 -11.39 0.99 10.42
CA ILE A 113 -12.22 -0.08 10.97
C ILE A 113 -11.96 -0.18 12.46
N THR A 114 -13.04 -0.06 13.23
CA THR A 114 -12.97 0.16 14.65
C THR A 114 -13.92 -0.81 15.34
N ASP A 115 -13.61 -1.22 16.57
CA ASP A 115 -14.52 -2.08 17.30
C ASP A 115 -15.59 -1.25 18.04
N GLU A 116 -16.47 -1.92 18.77
CA GLU A 116 -17.56 -1.24 19.47
C GLU A 116 -17.09 -0.27 20.58
N ASN A 117 -15.82 -0.36 20.95
CA ASN A 117 -15.21 0.54 21.93
C ASN A 117 -14.36 1.62 21.27
N GLU A 118 -14.47 1.73 19.95
CA GLU A 118 -13.73 2.70 19.14
C GLU A 118 -12.22 2.45 19.05
N THR A 119 -11.78 1.26 19.47
CA THR A 119 -10.40 0.83 19.27
C THR A 119 -10.15 0.55 17.78
N LEU A 120 -9.08 1.13 17.23
CA LEU A 120 -8.72 0.95 15.83
C LEU A 120 -8.26 -0.48 15.58
N ILE A 121 -8.97 -1.18 14.70
CA ILE A 121 -8.69 -2.57 14.38
C ILE A 121 -7.85 -2.62 13.11
N SER A 122 -8.31 -1.93 12.07
CA SER A 122 -7.61 -1.88 10.79
C SER A 122 -7.73 -0.49 10.15
N GLN A 123 -6.63 -0.02 9.59
CA GLN A 123 -6.60 1.21 8.81
C GLN A 123 -6.46 0.82 7.34
N ILE A 124 -7.33 1.35 6.50
CA ILE A 124 -7.42 0.91 5.11
C ILE A 124 -7.61 2.10 4.18
N THR A 125 -6.85 2.11 3.09
CA THR A 125 -7.03 3.10 2.03
C THR A 125 -7.52 2.38 0.76
N VAL A 126 -8.58 2.92 0.17
CA VAL A 126 -9.13 2.37 -1.06
C VAL A 126 -9.11 3.42 -2.16
N VAL A 127 -8.55 3.06 -3.31
CA VAL A 127 -8.65 3.87 -4.51
C VAL A 127 -9.68 3.23 -5.44
N ASN A 128 -10.71 4.00 -5.80
CA ASN A 128 -11.72 3.57 -6.75
C ASN A 128 -11.48 4.21 -8.13
N ALA A 129 -11.69 3.43 -9.19
CA ALA A 129 -11.73 4.00 -10.53
C ALA A 129 -13.15 4.43 -10.84
N LEU A 130 -13.28 5.59 -11.47
CA LEU A 130 -14.58 6.17 -11.79
C LEU A 130 -14.92 5.96 -13.27
N VAL A 131 -15.96 5.18 -13.53
CA VAL A 131 -16.34 4.83 -14.91
C VAL A 131 -17.58 5.61 -15.37
N PRO A 132 -17.49 6.31 -16.53
CA PRO A 132 -18.60 7.01 -17.18
C PRO A 132 -19.97 6.34 -17.00
N MSE B 1 23.16 19.91 -9.08
CA MSE B 1 22.70 18.50 -8.95
C MSE B 1 21.48 18.41 -8.06
O MSE B 1 21.53 18.79 -6.89
CB MSE B 1 23.81 17.64 -8.33
CG MSE B 1 25.02 17.43 -9.20
SE MSE B 1 26.33 16.42 -8.19
CE MSE B 1 25.43 14.70 -8.17
N ASN B 2 20.41 17.89 -8.60
CA ASN B 2 19.22 17.62 -7.81
C ASN B 2 19.31 16.23 -7.15
N MSE B 3 18.23 15.82 -6.51
CA MSE B 3 18.14 14.49 -5.89
C MSE B 3 18.33 13.36 -6.90
O MSE B 3 19.06 12.40 -6.61
CB MSE B 3 16.81 14.33 -5.15
CG MSE B 3 16.74 13.08 -4.30
SE MSE B 3 14.95 12.87 -3.58
CE MSE B 3 14.03 12.17 -5.14
N ILE B 4 17.67 13.47 -8.04
CA ILE B 4 17.76 12.45 -9.09
C ILE B 4 19.21 12.19 -9.52
N ASP B 5 19.95 13.27 -9.81
CA ASP B 5 21.37 13.19 -10.17
C ASP B 5 22.21 12.54 -9.08
N GLN B 6 22.02 13.00 -7.85
CA GLN B 6 22.84 12.56 -6.71
C GLN B 6 22.52 11.14 -6.24
N LEU B 7 21.31 10.67 -6.54
CA LEU B 7 20.93 9.26 -6.32
C LEU B 7 21.80 8.31 -7.14
N ASN B 8 22.39 8.82 -8.22
CA ASN B 8 23.39 8.10 -9.02
C ASN B 8 22.84 6.80 -9.64
N ILE B 9 21.83 6.98 -10.48
CA ILE B 9 21.21 5.87 -11.20
C ILE B 9 21.93 5.68 -12.52
N THR B 10 22.49 4.49 -12.71
CA THR B 10 23.28 4.20 -13.90
C THR B 10 22.68 3.02 -14.66
N ASP B 11 23.14 2.82 -15.89
CA ASP B 11 22.79 1.66 -16.72
C ASP B 11 21.29 1.44 -16.91
N PHE B 12 20.52 2.52 -16.88
CA PHE B 12 19.08 2.41 -17.08
C PHE B 12 18.74 2.07 -18.53
N GLN B 13 18.05 0.95 -18.72
CA GLN B 13 17.50 0.59 -20.01
C GLN B 13 16.13 -0.07 -19.87
N VAL B 14 15.25 0.23 -20.81
CA VAL B 14 13.94 -0.41 -20.88
C VAL B 14 13.92 -1.32 -22.11
N PHE B 15 13.56 -2.57 -21.88
CA PHE B 15 13.56 -3.58 -22.93
C PHE B 15 12.26 -4.37 -22.96
N THR B 16 11.90 -4.83 -24.15
CA THR B 16 10.64 -5.51 -24.41
C THR B 16 10.88 -7.00 -24.63
N ASP B 17 9.93 -7.82 -24.17
CA ASP B 17 9.89 -9.24 -24.54
C ASP B 17 8.64 -9.55 -25.39
N LYS B 26 2.91 -6.67 -25.66
CA LYS B 26 4.33 -6.53 -25.33
C LYS B 26 4.57 -6.50 -23.83
N ILE B 27 5.60 -7.24 -23.40
CA ILE B 27 6.03 -7.21 -22.00
C ILE B 27 7.17 -6.20 -21.85
N TYR B 28 6.92 -5.15 -21.10
CA TYR B 28 7.93 -4.11 -20.87
C TYR B 28 8.66 -4.34 -19.54
N LYS B 29 9.98 -4.37 -19.60
CA LYS B 29 10.82 -4.50 -18.41
C LYS B 29 11.86 -3.39 -18.37
N PHE B 30 12.44 -3.15 -17.20
CA PHE B 30 13.61 -2.28 -17.09
C PHE B 30 14.62 -2.82 -16.08
N SER B 31 15.86 -2.41 -16.25
CA SER B 31 16.94 -2.68 -15.31
C SER B 31 17.79 -1.43 -15.17
N SER B 32 18.44 -1.30 -14.02
CA SER B 32 19.24 -0.13 -13.66
C SER B 32 20.09 -0.45 -12.44
N LYS B 33 21.03 0.44 -12.13
CA LYS B 33 21.85 0.32 -10.94
C LYS B 33 21.80 1.61 -10.17
N MSE B 34 21.83 1.52 -8.86
CA MSE B 34 22.06 2.70 -8.04
C MSE B 34 23.39 2.53 -7.30
O MSE B 34 23.58 1.56 -6.56
CB MSE B 34 20.93 2.94 -7.04
CG MSE B 34 21.19 4.17 -6.20
SE MSE B 34 19.64 4.84 -5.25
CE MSE B 34 19.46 3.40 -3.92
N ILE B 35 24.28 3.48 -7.55
CA ILE B 35 25.62 3.47 -6.99
C ILE B 35 25.59 4.16 -5.64
N LEU B 36 26.00 3.44 -4.60
CA LEU B 36 25.86 3.91 -3.23
C LEU B 36 27.11 4.63 -2.74
N SER B 37 26.89 5.70 -1.98
CA SER B 37 27.95 6.43 -1.31
C SER B 37 27.34 7.04 -0.04
N ASP B 38 28.06 7.98 0.57
CA ASP B 38 27.60 8.71 1.76
C ASP B 38 26.24 9.36 1.57
N PHE B 39 25.96 9.82 0.35
CA PHE B 39 24.68 10.44 0.03
C PHE B 39 23.49 9.60 0.48
N HIS B 40 23.58 8.29 0.26
CA HIS B 40 22.46 7.35 0.48
C HIS B 40 22.31 6.83 1.91
N ALA B 41 23.24 7.17 2.80
CA ALA B 41 23.33 6.53 4.12
C ALA B 41 22.40 7.08 5.19
N GLN B 42 21.77 6.18 5.94
CA GLN B 42 21.07 6.54 7.18
C GLN B 42 22.03 6.41 8.38
N PRO B 43 21.65 6.94 9.56
CA PRO B 43 22.64 7.14 10.64
C PRO B 43 23.37 5.89 11.16
N GLN B 44 22.76 4.72 11.04
CA GLN B 44 23.39 3.48 11.53
C GLN B 44 24.39 2.86 10.54
N GLY B 45 24.41 3.38 9.31
CA GLY B 45 25.35 2.93 8.28
C GLY B 45 24.70 2.12 7.16
N PHE B 46 23.38 1.97 7.22
CA PHE B 46 22.63 1.22 6.22
C PHE B 46 22.21 2.11 5.05
N LEU B 47 21.85 1.48 3.95
CA LEU B 47 21.17 2.18 2.87
C LEU B 47 19.83 2.69 3.40
N ASN B 48 19.65 4.00 3.32
CA ASN B 48 18.40 4.66 3.70
C ASN B 48 17.24 4.16 2.85
N GLY B 49 16.24 3.58 3.50
CA GLY B 49 15.05 3.07 2.82
C GLY B 49 14.38 4.12 1.95
N GLY B 50 14.49 5.38 2.38
CA GLY B 50 13.98 6.52 1.63
C GLY B 50 14.67 6.69 0.30
N ALA B 51 15.94 6.31 0.22
CA ALA B 51 16.68 6.34 -1.05
C ALA B 51 16.15 5.29 -2.01
N SER B 52 15.79 4.12 -1.48
CA SER B 52 15.23 3.03 -2.27
C SER B 52 13.82 3.34 -2.75
N LEU B 53 12.99 3.87 -1.87
CA LEU B 53 11.67 4.40 -2.27
C LEU B 53 11.82 5.34 -3.47
N ALA B 54 12.69 6.34 -3.32
CA ALA B 54 12.94 7.34 -4.36
C ALA B 54 13.40 6.68 -5.65
N LEU B 55 14.40 5.80 -5.54
CA LEU B 55 14.87 5.01 -6.67
C LEU B 55 13.73 4.34 -7.43
N ALA B 56 12.81 3.72 -6.70
CA ALA B 56 11.67 3.01 -7.31
C ALA B 56 10.72 3.96 -8.04
N GLU B 57 10.33 5.05 -7.40
CA GLU B 57 9.42 6.01 -8.04
C GLU B 57 10.05 6.64 -9.30
N ILE B 58 11.30 7.09 -9.17
CA ILE B 58 12.03 7.72 -10.29
C ILE B 58 12.22 6.77 -11.48
N THR B 59 12.71 5.55 -11.24
CA THR B 59 12.97 4.60 -12.33
C THR B 59 11.68 4.11 -13.02
N ALA B 60 10.62 3.92 -12.23
CA ALA B 60 9.29 3.64 -12.78
C ALA B 60 8.83 4.78 -13.69
N GLY B 61 9.00 6.02 -13.22
CA GLY B 61 8.72 7.22 -14.01
C GLY B 61 9.58 7.35 -15.25
N MSE B 62 10.85 7.02 -15.12
CA MSE B 62 11.78 7.00 -16.25
C MSE B 62 11.39 5.96 -17.30
O MSE B 62 11.54 6.21 -18.50
CB MSE B 62 13.21 6.70 -15.78
CG MSE B 62 13.96 7.85 -15.13
SE MSE B 62 15.70 7.24 -14.49
CE MSE B 62 16.64 7.13 -16.21
N ALA B 63 10.94 4.82 -16.83
CA ALA B 63 10.58 3.71 -17.71
C ALA B 63 9.26 3.97 -18.44
N SER B 64 8.31 4.58 -17.76
CA SER B 64 7.04 4.98 -18.39
C SER B 64 7.26 6.06 -19.45
N ASN B 65 8.12 7.02 -19.14
CA ASN B 65 8.43 8.11 -20.08
C ASN B 65 9.09 7.63 -21.36
N ALA B 66 9.90 6.58 -21.23
CA ALA B 66 10.58 5.95 -22.37
C ALA B 66 9.58 5.20 -23.26
N ILE B 67 8.52 4.67 -22.66
CA ILE B 67 7.45 4.02 -23.39
C ILE B 67 6.56 5.05 -24.08
N GLY B 68 6.34 6.17 -23.42
CA GLY B 68 5.45 7.23 -23.91
C GLY B 68 5.86 7.95 -25.17
N SER B 69 7.16 7.93 -25.47
CA SER B 69 7.74 8.59 -26.63
C SER B 69 7.30 10.05 -26.80
N GLY B 70 7.24 10.77 -25.69
CA GLY B 70 6.93 12.20 -25.69
C GLY B 70 5.46 12.56 -25.66
N GLN B 71 4.59 11.55 -25.76
CA GLN B 71 3.15 11.78 -25.82
C GLN B 71 2.56 12.14 -24.46
N TYR B 72 3.24 11.68 -23.41
CA TYR B 72 2.84 11.95 -22.03
C TYR B 72 4.06 11.90 -21.13
N PHE B 73 3.93 12.46 -19.92
CA PHE B 73 4.92 12.26 -18.87
C PHE B 73 4.30 11.52 -17.68
N ALA B 74 5.09 10.66 -17.04
CA ALA B 74 4.62 9.89 -15.90
C ALA B 74 4.68 10.69 -14.62
N PHE B 75 3.61 10.60 -13.82
CA PHE B 75 3.56 11.20 -12.51
C PHE B 75 3.19 10.10 -11.52
N GLY B 76 4.05 9.92 -10.52
CA GLY B 76 3.84 8.90 -9.49
C GLY B 76 2.54 9.12 -8.74
N GLN B 77 1.70 8.08 -8.70
CA GLN B 77 0.35 8.17 -8.13
C GLN B 77 0.24 7.44 -6.79
N SER B 78 0.65 6.17 -6.77
CA SER B 78 0.69 5.40 -5.54
C SER B 78 1.89 4.48 -5.55
N ILE B 79 2.44 4.25 -4.36
CA ILE B 79 3.65 3.47 -4.21
C ILE B 79 3.46 2.59 -2.99
N ASN B 80 3.76 1.31 -3.14
CA ASN B 80 3.77 0.37 -2.03
C ASN B 80 5.08 -0.38 -1.93
N ALA B 81 5.75 -0.26 -0.78
CA ALA B 81 7.06 -0.84 -0.59
C ALA B 81 7.13 -1.72 0.64
N ASN B 82 7.83 -2.82 0.50
CA ASN B 82 8.28 -3.62 1.63
C ASN B 82 9.80 -3.66 1.65
N HIS B 83 10.39 -3.16 2.73
CA HIS B 83 11.83 -3.31 2.95
C HIS B 83 12.03 -4.65 3.62
N LEU B 84 12.78 -5.51 2.95
CA LEU B 84 12.86 -6.93 3.28
C LEU B 84 14.13 -7.30 4.03
N ASN B 85 15.27 -6.81 3.54
CA ASN B 85 16.57 -7.12 4.10
C ASN B 85 17.44 -5.88 4.24
N PRO B 86 18.39 -5.89 5.20
CA PRO B 86 19.30 -4.76 5.36
C PRO B 86 20.36 -4.73 4.26
N LYS B 87 20.77 -3.53 3.89
CA LYS B 87 21.85 -3.36 2.93
C LYS B 87 22.78 -2.27 3.47
N LYS B 88 24.06 -2.60 3.59
CA LYS B 88 25.05 -1.65 4.05
C LYS B 88 25.32 -0.65 2.95
N CYS B 89 25.51 0.62 3.33
CA CYS B 89 25.67 1.68 2.35
C CYS B 89 27.05 1.64 1.69
N GLU B 90 27.20 0.69 0.77
CA GLU B 90 28.43 0.47 0.01
C GLU B 90 28.12 -0.32 -1.25
N GLY B 91 28.97 -0.18 -2.27
CA GLY B 91 28.78 -0.87 -3.55
C GLY B 91 27.58 -0.35 -4.32
N PHE B 92 26.68 -1.26 -4.68
CA PHE B 92 25.48 -0.90 -5.44
C PHE B 92 24.30 -1.83 -5.19
N VAL B 93 23.13 -1.38 -5.62
CA VAL B 93 21.94 -2.20 -5.73
C VAL B 93 21.40 -2.15 -7.16
N ASN B 94 20.71 -3.22 -7.56
CA ASN B 94 20.02 -3.27 -8.85
C ASN B 94 18.57 -2.91 -8.64
N ALA B 95 18.01 -2.14 -9.56
CA ALA B 95 16.56 -1.92 -9.62
C ALA B 95 16.04 -2.46 -10.95
N ARG B 96 15.18 -3.46 -10.86
CA ARG B 96 14.64 -4.14 -12.02
C ARG B 96 13.12 -4.11 -11.92
N GLY B 97 12.48 -3.65 -13.00
CA GLY B 97 11.03 -3.50 -13.05
C GLY B 97 10.35 -4.35 -14.11
N LEU B 98 9.07 -4.63 -13.86
CA LEU B 98 8.22 -5.34 -14.80
C LEU B 98 6.88 -4.60 -14.84
N LEU B 99 6.41 -4.30 -16.04
CA LEU B 99 5.15 -3.61 -16.26
C LEU B 99 4.01 -4.61 -16.09
N LEU B 100 3.31 -4.55 -14.97
CA LEU B 100 2.16 -5.43 -14.73
C LEU B 100 0.96 -5.00 -15.54
N LYS B 101 0.82 -3.70 -15.76
CA LYS B 101 -0.33 -3.16 -16.48
C LYS B 101 0.08 -1.99 -17.36
N ASN B 102 -0.09 -2.19 -18.68
CA ASN B 102 0.14 -1.15 -19.68
C ASN B 102 -1.19 -0.51 -20.06
N GLY B 103 -1.71 0.32 -19.15
CA GLY B 103 -2.99 1.01 -19.36
C GLY B 103 -2.84 2.33 -20.09
N LYS B 104 -3.97 2.90 -20.51
CA LYS B 104 -3.95 4.13 -21.31
C LYS B 104 -3.70 5.39 -20.49
N ARG B 105 -4.06 5.36 -19.21
CA ARG B 105 -3.80 6.48 -18.31
C ARG B 105 -2.99 6.09 -17.07
N ASN B 106 -2.75 4.79 -16.89
CA ASN B 106 -1.91 4.30 -15.79
C ASN B 106 -0.96 3.17 -16.20
N HIS B 107 0.24 3.21 -15.65
CA HIS B 107 1.16 2.07 -15.70
C HIS B 107 1.37 1.55 -14.28
N VAL B 108 1.40 0.23 -14.13
CA VAL B 108 1.69 -0.39 -12.84
C VAL B 108 3.01 -1.17 -12.94
N TRP B 109 4.01 -0.72 -12.20
CA TRP B 109 5.34 -1.32 -12.22
C TRP B 109 5.62 -2.13 -10.97
N GLU B 110 6.07 -3.37 -11.17
CA GLU B 110 6.57 -4.24 -10.12
C GLU B 110 8.10 -4.13 -10.10
N ILE B 111 8.65 -3.55 -9.03
CA ILE B 111 10.08 -3.26 -8.95
C ILE B 111 10.76 -4.04 -7.83
N LYS B 112 11.80 -4.78 -8.21
CA LYS B 112 12.58 -5.55 -7.25
C LYS B 112 13.96 -4.91 -7.10
N ILE B 113 14.30 -4.53 -5.88
CA ILE B 113 15.63 -3.98 -5.59
C ILE B 113 16.48 -5.04 -4.89
N THR B 114 17.59 -5.41 -5.52
CA THR B 114 18.46 -6.49 -5.03
C THR B 114 19.90 -6.03 -4.89
N ASP B 115 20.65 -6.64 -3.96
CA ASP B 115 22.07 -6.32 -3.84
C ASP B 115 22.88 -7.05 -4.91
N GLU B 116 24.21 -6.99 -4.81
CA GLU B 116 25.07 -7.61 -5.81
C GLU B 116 25.10 -9.14 -5.71
N ASN B 117 24.54 -9.67 -4.62
CA ASN B 117 24.37 -11.12 -4.47
C ASN B 117 22.93 -11.56 -4.82
N GLU B 118 22.21 -10.66 -5.50
CA GLU B 118 20.79 -10.85 -5.85
C GLU B 118 19.89 -11.18 -4.65
N THR B 119 20.35 -10.80 -3.45
CA THR B 119 19.52 -10.83 -2.25
C THR B 119 18.50 -9.70 -2.38
N LEU B 120 17.22 -10.02 -2.22
CA LEU B 120 16.16 -9.03 -2.35
C LEU B 120 16.17 -8.09 -1.14
N ILE B 121 16.36 -6.81 -1.43
CA ILE B 121 16.47 -5.77 -0.40
C ILE B 121 15.10 -5.16 -0.12
N SER B 122 14.42 -4.75 -1.19
CA SER B 122 13.11 -4.14 -1.11
C SER B 122 12.28 -4.52 -2.33
N GLN B 123 10.98 -4.71 -2.13
CA GLN B 123 10.06 -4.87 -3.24
C GLN B 123 9.04 -3.74 -3.24
N ILE B 124 8.85 -3.14 -4.40
CA ILE B 124 8.05 -1.94 -4.54
C ILE B 124 7.17 -2.01 -5.77
N THR B 125 5.92 -1.66 -5.58
CA THR B 125 4.98 -1.51 -6.67
C THR B 125 4.68 -0.02 -6.83
N VAL B 126 4.74 0.46 -8.06
CA VAL B 126 4.50 1.86 -8.38
C VAL B 126 3.42 1.98 -9.46
N VAL B 127 2.42 2.80 -9.19
CA VAL B 127 1.41 3.16 -10.17
C VAL B 127 1.70 4.58 -10.65
N ASN B 128 1.93 4.74 -11.96
CA ASN B 128 2.13 6.04 -12.57
C ASN B 128 0.85 6.51 -13.30
N ALA B 129 0.49 7.77 -13.07
CA ALA B 129 -0.51 8.43 -13.91
C ALA B 129 0.19 8.91 -15.17
N LEU B 130 -0.49 8.76 -16.29
CA LEU B 130 0.04 9.14 -17.60
C LEU B 130 -0.64 10.42 -18.06
N VAL B 131 0.02 11.55 -17.89
CA VAL B 131 -0.57 12.86 -18.22
C VAL B 131 -0.07 13.39 -19.56
N PRO B 132 -1.01 13.67 -20.49
CA PRO B 132 -0.75 14.19 -21.84
C PRO B 132 0.21 15.37 -21.84
N GLN B 133 1.10 15.40 -22.82
CA GLN B 133 2.13 16.43 -22.91
C GLN B 133 2.05 17.16 -24.24
N MSE C 1 27.24 16.90 1.80
CA MSE C 1 25.92 16.67 2.46
C MSE C 1 25.23 15.43 1.89
O MSE C 1 25.22 15.22 0.69
CB MSE C 1 25.01 17.88 2.29
CG MSE C 1 24.93 18.78 3.49
SE MSE C 1 23.66 20.25 3.17
CE MSE C 1 24.81 21.39 2.07
N ASN C 2 24.67 14.63 2.78
CA ASN C 2 23.92 13.45 2.37
C ASN C 2 22.49 13.81 1.94
N MSE C 3 21.70 12.79 1.67
CA MSE C 3 20.31 12.98 1.24
C MSE C 3 19.43 13.58 2.33
O MSE C 3 18.65 14.50 2.06
CB MSE C 3 19.73 11.67 0.72
CG MSE C 3 18.39 11.82 0.04
SE MSE C 3 17.61 10.07 -0.24
CE MSE C 3 17.64 9.39 1.57
N ILE C 4 19.55 13.06 3.54
CA ILE C 4 18.75 13.54 4.67
C ILE C 4 18.89 15.05 4.88
N ASP C 5 20.15 15.54 4.89
CA ASP C 5 20.43 16.95 5.08
C ASP C 5 19.96 17.82 3.90
N GLN C 6 20.23 17.35 2.68
CA GLN C 6 19.82 18.07 1.47
C GLN C 6 18.30 18.15 1.28
N LEU C 7 17.59 17.20 1.88
CA LEU C 7 16.12 17.24 1.92
C LEU C 7 15.62 18.45 2.69
N ASN C 8 16.46 18.97 3.58
CA ASN C 8 16.18 20.16 4.39
C ASN C 8 14.86 20.05 5.17
N ILE C 9 14.84 19.11 6.09
CA ILE C 9 13.73 18.90 7.01
C ILE C 9 13.93 19.81 8.23
N THR C 10 12.95 20.68 8.48
CA THR C 10 13.04 21.64 9.60
C THR C 10 11.82 21.56 10.51
N ASP C 11 11.92 22.24 11.66
CA ASP C 11 10.83 22.37 12.63
C ASP C 11 10.26 21.01 13.08
N PHE C 12 11.14 20.02 13.19
CA PHE C 12 10.74 18.69 13.62
C PHE C 12 10.46 18.66 15.11
N GLN C 13 9.34 18.06 15.48
CA GLN C 13 8.99 17.86 16.89
C GLN C 13 8.01 16.72 17.07
N VAL C 14 8.19 15.97 18.15
CA VAL C 14 7.27 14.90 18.54
C VAL C 14 6.57 15.29 19.84
N PHE C 15 5.26 15.04 19.90
CA PHE C 15 4.45 15.46 21.04
C PHE C 15 3.25 14.53 21.24
N THR C 16 2.59 14.67 22.39
CA THR C 16 1.42 13.88 22.72
C THR C 16 0.15 14.74 22.71
N ASP C 17 -0.99 14.12 22.44
CA ASP C 17 -2.26 14.83 22.35
C ASP C 17 -3.43 14.07 23.00
N GLU C 18 -4.64 14.64 22.84
CA GLU C 18 -5.87 14.13 23.48
C GLU C 18 -6.29 12.77 22.94
N LYS C 26 -3.10 8.89 25.63
CA LYS C 26 -1.72 8.93 25.15
C LYS C 26 -1.62 8.70 23.64
N ILE C 27 -1.82 9.76 22.88
CA ILE C 27 -1.70 9.69 21.42
C ILE C 27 -0.46 10.45 20.97
N TYR C 28 0.45 9.73 20.30
CA TYR C 28 1.69 10.31 19.80
C TYR C 28 1.53 10.88 18.40
N LYS C 29 2.09 12.07 18.21
CA LYS C 29 2.04 12.79 16.95
C LYS C 29 3.41 13.41 16.66
N PHE C 30 3.68 13.67 15.39
CA PHE C 30 4.83 14.51 15.05
C PHE C 30 4.46 15.60 14.06
N SER C 31 5.28 16.65 14.01
CA SER C 31 5.10 17.77 13.11
C SER C 31 6.44 18.15 12.53
N SER C 32 6.46 18.53 11.25
CA SER C 32 7.70 18.92 10.58
C SER C 32 7.44 19.71 9.30
N LYS C 33 8.50 20.32 8.77
CA LYS C 33 8.46 20.98 7.47
C LYS C 33 9.59 20.45 6.57
N MSE C 34 9.37 20.53 5.27
CA MSE C 34 10.43 20.34 4.30
C MSE C 34 10.42 21.54 3.35
O MSE C 34 9.44 21.77 2.64
CB MSE C 34 10.26 19.02 3.52
CG MSE C 34 11.28 18.84 2.42
SE MSE C 34 11.43 17.05 1.68
CE MSE C 34 9.79 17.02 0.61
N ILE C 35 11.50 22.30 3.35
CA ILE C 35 11.62 23.46 2.47
C ILE C 35 12.24 23.06 1.13
N LEU C 36 11.59 23.50 0.05
CA LEU C 36 11.89 23.00 -1.29
C LEU C 36 12.83 23.88 -2.11
N SER C 37 13.80 23.23 -2.76
CA SER C 37 14.61 23.84 -3.79
C SER C 37 14.51 22.93 -5.01
N ASP C 38 15.27 23.22 -6.06
CA ASP C 38 15.24 22.36 -7.25
C ASP C 38 15.88 20.98 -7.01
N PHE C 39 16.50 20.79 -5.84
CA PHE C 39 16.98 19.49 -5.41
C PHE C 39 15.82 18.51 -5.39
N HIS C 40 14.66 19.02 -4.98
CA HIS C 40 13.44 18.23 -4.77
C HIS C 40 12.62 18.02 -6.05
N ALA C 41 13.02 18.69 -7.14
CA ALA C 41 12.20 18.73 -8.36
C ALA C 41 12.36 17.51 -9.26
N GLN C 42 11.26 17.13 -9.93
CA GLN C 42 11.30 16.18 -11.05
C GLN C 42 11.23 16.98 -12.37
N PRO C 43 11.48 16.31 -13.53
CA PRO C 43 11.71 17.03 -14.80
C PRO C 43 10.67 18.07 -15.27
N GLN C 44 9.43 17.97 -14.80
CA GLN C 44 8.38 18.91 -15.22
C GLN C 44 8.21 20.09 -14.28
N GLY C 45 9.05 20.16 -13.25
CA GLY C 45 9.03 21.27 -12.30
C GLY C 45 8.17 21.05 -11.07
N PHE C 46 7.69 19.82 -10.90
CA PHE C 46 6.90 19.46 -9.73
C PHE C 46 7.77 18.86 -8.64
N LEU C 47 7.26 18.87 -7.42
CA LEU C 47 7.91 18.18 -6.32
C LEU C 47 8.00 16.70 -6.66
N ASN C 48 9.20 16.16 -6.55
CA ASN C 48 9.45 14.74 -6.78
C ASN C 48 8.77 13.92 -5.70
N GLY C 49 7.88 13.02 -6.11
CA GLY C 49 7.22 12.09 -5.19
C GLY C 49 8.20 11.31 -4.33
N GLY C 50 9.37 11.00 -4.89
CA GLY C 50 10.44 10.32 -4.16
C GLY C 50 10.98 11.09 -2.97
N ALA C 51 10.98 12.41 -3.07
CA ALA C 51 11.37 13.27 -1.94
C ALA C 51 10.34 13.17 -0.80
N SER C 52 9.06 13.10 -1.17
CA SER C 52 7.97 12.98 -0.19
C SER C 52 7.99 11.64 0.50
N LEU C 53 8.26 10.59 -0.28
CA LEU C 53 8.42 9.24 0.26
C LEU C 53 9.52 9.22 1.31
N ALA C 54 10.67 9.78 0.94
CA ALA C 54 11.85 9.84 1.82
C ALA C 54 11.57 10.68 3.06
N LEU C 55 10.92 11.83 2.87
CA LEU C 55 10.46 12.66 4.00
C LEU C 55 9.66 11.83 5.00
N ALA C 56 8.68 11.08 4.50
CA ALA C 56 7.84 10.23 5.35
C ALA C 56 8.65 9.17 6.11
N GLU C 57 9.48 8.41 5.40
CA GLU C 57 10.30 7.37 6.05
C GLU C 57 11.25 7.95 7.09
N ILE C 58 11.93 9.04 6.75
CA ILE C 58 12.88 9.70 7.65
C ILE C 58 12.19 10.17 8.93
N THR C 59 11.17 11.03 8.77
CA THR C 59 10.44 11.60 9.90
C THR C 59 9.79 10.53 10.78
N ALA C 60 9.17 9.52 10.16
CA ALA C 60 8.63 8.38 10.90
C ALA C 60 9.70 7.69 11.74
N GLY C 61 10.89 7.52 11.16
CA GLY C 61 12.02 6.91 11.84
C GLY C 61 12.52 7.77 12.99
N MSE C 62 12.65 9.06 12.73
CA MSE C 62 13.07 10.03 13.74
C MSE C 62 12.10 10.09 14.92
O MSE C 62 12.52 10.15 16.07
CB MSE C 62 13.18 11.43 13.13
CG MSE C 62 14.28 11.64 12.10
SE MSE C 62 14.16 13.44 11.33
CE MSE C 62 15.02 14.43 12.76
N ALA C 63 10.81 10.08 14.61
CA ALA C 63 9.76 10.14 15.63
C ALA C 63 9.69 8.88 16.49
N SER C 64 9.85 7.72 15.85
CA SER C 64 9.89 6.45 16.58
C SER C 64 11.10 6.36 17.51
N ASN C 65 12.25 6.84 17.04
CA ASN C 65 13.48 6.86 17.81
C ASN C 65 13.42 7.82 18.98
N ALA C 66 12.70 8.92 18.81
CA ALA C 66 12.49 9.91 19.88
C ALA C 66 11.58 9.36 20.99
N ILE C 67 10.77 8.35 20.66
CA ILE C 67 9.93 7.67 21.64
C ILE C 67 10.73 6.57 22.35
N GLY C 68 11.40 5.73 21.56
CA GLY C 68 12.28 4.70 22.09
C GLY C 68 13.71 5.20 22.07
N SER C 69 14.06 5.98 23.09
CA SER C 69 15.37 6.63 23.17
C SER C 69 16.12 6.17 24.43
N GLY C 70 16.98 5.16 24.28
CA GLY C 70 17.19 4.47 23.02
C GLY C 70 17.17 2.97 23.20
N GLN C 71 15.99 2.43 23.53
CA GLN C 71 15.79 0.99 23.67
C GLN C 71 15.92 0.28 22.31
N TYR C 72 15.34 0.88 21.27
CA TYR C 72 15.34 0.28 19.94
C TYR C 72 15.72 1.29 18.85
N PHE C 73 16.10 0.77 17.68
CA PHE C 73 16.25 1.58 16.48
C PHE C 73 15.02 1.36 15.60
N ALA C 74 14.53 2.44 15.00
CA ALA C 74 13.42 2.33 14.05
C ALA C 74 13.96 2.04 12.66
N PHE C 75 13.38 1.04 12.01
CA PHE C 75 13.70 0.76 10.62
C PHE C 75 12.41 0.56 9.80
N GLY C 76 12.28 1.36 8.74
CA GLY C 76 11.13 1.27 7.85
C GLY C 76 10.98 -0.15 7.35
N GLN C 77 9.79 -0.69 7.52
CA GLN C 77 9.50 -2.06 7.13
C GLN C 77 8.61 -2.07 5.89
N SER C 78 7.51 -1.34 5.96
CA SER C 78 6.64 -1.15 4.81
C SER C 78 6.11 0.27 4.75
N ILE C 79 5.93 0.77 3.53
CA ILE C 79 5.47 2.13 3.31
C ILE C 79 4.44 2.12 2.19
N ASN C 80 3.32 2.80 2.42
CA ASN C 80 2.31 2.97 1.40
C ASN C 80 1.98 4.44 1.17
N ALA C 81 2.02 4.87 -0.08
CA ALA C 81 1.81 6.27 -0.42
C ALA C 81 0.77 6.44 -1.52
N ASN C 82 -0.11 7.42 -1.34
CA ASN C 82 -0.94 7.92 -2.42
C ASN C 82 -0.58 9.39 -2.61
N HIS C 83 -0.11 9.72 -3.81
CA HIS C 83 0.17 11.11 -4.17
C HIS C 83 -1.10 11.64 -4.81
N LEU C 84 -1.77 12.53 -4.07
CA LEU C 84 -3.11 12.98 -4.42
C LEU C 84 -3.10 14.18 -5.35
N ASN C 85 -2.21 15.13 -5.06
CA ASN C 85 -2.21 16.41 -5.75
C ASN C 85 -0.79 16.83 -6.06
N PRO C 86 -0.52 17.22 -7.32
CA PRO C 86 0.82 17.67 -7.67
C PRO C 86 1.13 18.99 -6.98
N LYS C 87 2.40 19.18 -6.63
CA LYS C 87 2.85 20.47 -6.12
C LYS C 87 4.02 20.99 -6.95
N LYS C 88 3.98 22.27 -7.27
CA LYS C 88 5.11 22.95 -7.90
C LYS C 88 6.27 22.98 -6.90
N CYS C 89 7.47 22.71 -7.40
CA CYS C 89 8.63 22.59 -6.53
C CYS C 89 9.13 23.97 -6.08
N GLU C 90 8.45 24.52 -5.08
CA GLU C 90 8.72 25.83 -4.53
C GLU C 90 8.11 25.90 -3.12
N GLY C 91 8.62 26.82 -2.30
CA GLY C 91 8.13 27.01 -0.94
C GLY C 91 8.43 25.84 -0.03
N PHE C 92 7.40 25.36 0.68
CA PHE C 92 7.55 24.24 1.61
C PHE C 92 6.32 23.33 1.68
N VAL C 93 6.52 22.13 2.22
CA VAL C 93 5.43 21.23 2.58
C VAL C 93 5.48 20.91 4.08
N ASN C 94 4.33 20.59 4.65
CA ASN C 94 4.22 20.13 6.03
C ASN C 94 4.08 18.61 6.06
N ALA C 95 4.78 17.96 6.98
CA ALA C 95 4.64 16.52 7.19
C ALA C 95 4.24 16.26 8.64
N ARG C 96 3.01 15.82 8.83
CA ARG C 96 2.46 15.56 10.16
C ARG C 96 2.08 14.10 10.31
N GLY C 97 2.59 13.47 11.37
CA GLY C 97 2.35 12.04 11.59
C GLY C 97 1.49 11.77 12.80
N LEU C 98 0.73 10.69 12.73
CA LEU C 98 -0.09 10.21 13.85
C LEU C 98 0.24 8.75 14.08
N LEU C 99 0.55 8.42 15.34
CA LEU C 99 0.86 7.03 15.70
C LEU C 99 -0.46 6.26 15.84
N LEU C 100 -0.71 5.37 14.90
CA LEU C 100 -1.93 4.56 14.91
C LEU C 100 -1.78 3.36 15.82
N LYS C 101 -0.57 2.81 15.88
CA LYS C 101 -0.28 1.66 16.73
C LYS C 101 1.08 1.82 17.38
N ASN C 102 1.08 1.82 18.71
CA ASN C 102 2.30 1.80 19.50
C ASN C 102 2.57 0.38 19.99
N GLY C 103 3.07 -0.46 19.09
CA GLY C 103 3.38 -1.84 19.41
C GLY C 103 4.71 -1.98 20.13
N LYS C 104 4.96 -3.17 20.66
CA LYS C 104 6.24 -3.48 21.29
C LYS C 104 7.27 -3.89 20.25
N ARG C 105 6.80 -4.22 19.05
CA ARG C 105 7.66 -4.68 17.97
C ARG C 105 7.52 -3.83 16.70
N ASN C 106 6.39 -3.12 16.57
CA ASN C 106 6.13 -2.29 15.40
C ASN C 106 5.41 -0.99 15.72
N HIS C 107 5.77 0.08 15.01
CA HIS C 107 5.00 1.32 15.01
C HIS C 107 4.35 1.50 13.65
N VAL C 108 3.12 2.00 13.65
CA VAL C 108 2.45 2.34 12.40
C VAL C 108 2.10 3.83 12.44
N TRP C 109 2.75 4.60 11.57
CA TRP C 109 2.52 6.05 11.46
C TRP C 109 1.67 6.38 10.25
N GLU C 110 0.60 7.13 10.47
CA GLU C 110 -0.18 7.75 9.41
C GLU C 110 0.35 9.17 9.20
N ILE C 111 0.85 9.46 8.00
CA ILE C 111 1.54 10.72 7.74
C ILE C 111 0.85 11.52 6.64
N LYS C 112 0.57 12.79 6.93
CA LYS C 112 -0.04 13.69 5.95
C LYS C 112 0.95 14.74 5.49
N ILE C 113 1.19 14.77 4.18
CA ILE C 113 2.00 15.82 3.55
C ILE C 113 1.04 16.81 2.93
N THR C 114 1.10 18.06 3.39
CA THR C 114 0.23 19.13 2.92
C THR C 114 1.08 20.30 2.44
N ASP C 115 0.47 21.23 1.70
CA ASP C 115 1.20 22.42 1.26
C ASP C 115 1.08 23.56 2.28
N GLU C 116 1.51 24.75 1.88
CA GLU C 116 1.47 25.95 2.72
C GLU C 116 0.08 26.22 3.29
N ASN C 117 -0.96 25.91 2.52
CA ASN C 117 -2.35 26.16 2.89
C ASN C 117 -3.08 24.92 3.41
N GLU C 118 -2.32 23.86 3.69
CA GLU C 118 -2.85 22.62 4.25
C GLU C 118 -3.70 21.81 3.27
N THR C 119 -3.48 22.01 1.98
CA THR C 119 -4.03 21.12 0.96
C THR C 119 -3.21 19.82 0.95
N LEU C 120 -3.90 18.69 1.10
CA LEU C 120 -3.24 17.39 1.16
C LEU C 120 -2.58 17.07 -0.18
N ILE C 121 -1.25 16.95 -0.16
CA ILE C 121 -0.46 16.59 -1.33
C ILE C 121 -0.30 15.05 -1.42
N SER C 122 0.13 14.44 -0.32
CA SER C 122 0.29 12.98 -0.24
C SER C 122 -0.10 12.46 1.12
N GLN C 123 -0.72 11.28 1.13
CA GLN C 123 -0.95 10.57 2.37
C GLN C 123 -0.13 9.29 2.36
N ILE C 124 0.65 9.10 3.42
CA ILE C 124 1.64 8.02 3.48
C ILE C 124 1.57 7.33 4.83
N THR C 125 1.56 6.00 4.81
CA THR C 125 1.59 5.19 6.03
C THR C 125 2.92 4.45 6.10
N VAL C 126 3.62 4.63 7.23
CA VAL C 126 4.91 3.99 7.48
C VAL C 126 4.81 3.00 8.63
N VAL C 127 5.15 1.74 8.36
CA VAL C 127 5.30 0.74 9.40
C VAL C 127 6.79 0.58 9.69
N ASN C 128 7.16 0.88 10.95
CA ASN C 128 8.53 0.75 11.42
C ASN C 128 8.73 -0.54 12.22
N ALA C 129 9.81 -1.25 11.93
CA ALA C 129 10.25 -2.34 12.78
C ALA C 129 11.00 -1.76 13.98
N LEU C 130 10.71 -2.28 15.17
CA LEU C 130 11.36 -1.86 16.40
C LEU C 130 12.35 -2.94 16.83
N VAL C 131 13.64 -2.69 16.60
CA VAL C 131 14.68 -3.68 16.90
C VAL C 131 15.64 -3.17 17.99
N PRO C 132 15.86 -3.99 19.04
CA PRO C 132 16.72 -3.64 20.18
C PRO C 132 18.13 -3.22 19.77
N GLN C 133 18.75 -2.35 20.57
CA GLN C 133 20.07 -1.80 20.23
C GLN C 133 21.05 -1.68 21.41
N LYS C 134 21.36 -2.78 22.10
CA LYS C 134 20.93 -4.14 21.79
C LYS C 134 19.88 -4.58 22.80
N MSE D 1 -22.23 -22.27 7.18
CA MSE D 1 -20.90 -22.28 6.50
C MSE D 1 -20.26 -20.90 6.48
O MSE D 1 -20.95 -19.89 6.28
CB MSE D 1 -21.06 -22.82 5.06
CG MSE D 1 -19.74 -23.25 4.42
SE MSE D 1 -19.97 -24.24 2.75
CE MSE D 1 -21.00 -25.76 3.41
N ASN D 2 -18.96 -20.86 6.69
CA ASN D 2 -18.24 -19.59 6.76
C ASN D 2 -17.74 -19.08 5.40
N MSE D 3 -17.09 -17.93 5.42
CA MSE D 3 -16.61 -17.27 4.20
C MSE D 3 -15.49 -18.03 3.50
O MSE D 3 -15.52 -18.17 2.28
CB MSE D 3 -16.14 -15.85 4.54
CG MSE D 3 -15.84 -14.98 3.34
SE MSE D 3 -15.08 -13.28 3.91
CE MSE D 3 -13.27 -13.89 4.30
N ILE D 4 -14.54 -18.51 4.28
CA ILE D 4 -13.40 -19.26 3.75
C ILE D 4 -13.85 -20.46 2.93
N ASP D 5 -14.85 -21.20 3.44
CA ASP D 5 -15.36 -22.40 2.78
C ASP D 5 -16.19 -22.09 1.53
N GLN D 6 -16.98 -21.03 1.58
CA GLN D 6 -17.83 -20.63 0.45
C GLN D 6 -17.05 -20.01 -0.70
N LEU D 7 -15.87 -19.45 -0.39
CA LEU D 7 -14.91 -19.01 -1.40
C LEU D 7 -14.52 -20.15 -2.34
N ASN D 8 -14.61 -21.38 -1.84
CA ASN D 8 -14.29 -22.58 -2.61
C ASN D 8 -12.88 -22.56 -3.19
N ILE D 9 -11.89 -22.59 -2.29
CA ILE D 9 -10.47 -22.62 -2.68
C ILE D 9 -10.02 -24.06 -2.83
N THR D 10 -9.63 -24.42 -4.05
CA THR D 10 -9.29 -25.80 -4.38
C THR D 10 -7.83 -25.98 -4.82
N ASP D 11 -7.36 -27.23 -4.74
CA ASP D 11 -6.03 -27.64 -5.21
C ASP D 11 -4.86 -26.84 -4.63
N PHE D 12 -5.03 -26.45 -3.35
CA PHE D 12 -3.99 -25.72 -2.64
C PHE D 12 -2.76 -26.59 -2.41
N GLN D 13 -1.60 -26.05 -2.79
CA GLN D 13 -0.34 -26.78 -2.66
C GLN D 13 0.82 -25.83 -2.40
N VAL D 14 1.54 -26.08 -1.31
CA VAL D 14 2.70 -25.29 -0.93
C VAL D 14 3.97 -26.12 -1.16
N PHE D 15 4.89 -25.57 -1.95
CA PHE D 15 6.03 -26.32 -2.45
C PHE D 15 7.28 -25.45 -2.63
N THR D 16 8.43 -26.07 -2.38
CA THR D 16 9.73 -25.45 -2.67
C THR D 16 10.09 -25.76 -4.11
N ASP D 17 10.31 -24.72 -4.90
CA ASP D 17 10.60 -24.86 -6.33
C ASP D 17 12.03 -25.34 -6.58
N LYS D 26 16.02 -21.65 0.53
CA LYS D 26 15.06 -22.30 -0.35
C LYS D 26 13.87 -21.40 -0.69
N ILE D 27 13.43 -21.46 -1.94
CA ILE D 27 12.31 -20.63 -2.40
C ILE D 27 10.95 -21.30 -2.20
N TYR D 28 10.21 -20.83 -1.21
CA TYR D 28 8.85 -21.32 -0.96
C TYR D 28 7.83 -20.68 -1.89
N LYS D 29 6.92 -21.51 -2.41
CA LYS D 29 5.88 -21.07 -3.34
C LYS D 29 4.58 -21.79 -3.03
N PHE D 30 3.46 -21.16 -3.37
CA PHE D 30 2.17 -21.83 -3.33
C PHE D 30 1.32 -21.54 -4.57
N SER D 31 0.35 -22.41 -4.81
CA SER D 31 -0.59 -22.27 -5.91
C SER D 31 -1.94 -22.81 -5.46
N SER D 32 -3.02 -22.20 -5.98
CA SER D 32 -4.38 -22.66 -5.70
C SER D 32 -5.37 -22.14 -6.73
N LYS D 33 -6.55 -22.76 -6.75
CA LYS D 33 -7.64 -22.30 -7.60
C LYS D 33 -8.79 -21.80 -6.74
N MSE D 34 -9.57 -20.89 -7.30
CA MSE D 34 -10.84 -20.49 -6.70
C MSE D 34 -11.94 -20.62 -7.75
O MSE D 34 -11.96 -19.91 -8.75
CB MSE D 34 -10.76 -19.06 -6.15
CG MSE D 34 -12.10 -18.56 -5.59
SE MSE D 34 -11.95 -17.01 -4.42
CE MSE D 34 -11.55 -15.64 -5.76
N ILE D 35 -12.85 -21.54 -7.51
CA ILE D 35 -13.99 -21.77 -8.40
C ILE D 35 -15.04 -20.70 -8.14
N LEU D 36 -15.46 -20.02 -9.21
CA LEU D 36 -16.31 -18.83 -9.09
C LEU D 36 -17.80 -19.12 -9.31
N SER D 37 -18.62 -18.68 -8.36
CA SER D 37 -20.07 -18.75 -8.45
C SER D 37 -20.67 -17.37 -8.23
N ASP D 38 -21.99 -17.30 -8.05
CA ASP D 38 -22.69 -16.04 -7.77
C ASP D 38 -22.18 -15.40 -6.48
N PHE D 39 -21.79 -16.23 -5.53
CA PHE D 39 -21.18 -15.81 -4.27
C PHE D 39 -20.10 -14.74 -4.47
N HIS D 40 -19.30 -14.89 -5.52
CA HIS D 40 -18.13 -14.04 -5.76
C HIS D 40 -18.41 -12.77 -6.55
N ALA D 41 -19.65 -12.63 -7.04
CA ALA D 41 -19.99 -11.55 -7.97
C ALA D 41 -20.36 -10.25 -7.27
N GLN D 42 -19.86 -9.14 -7.81
CA GLN D 42 -20.34 -7.81 -7.42
C GLN D 42 -21.51 -7.41 -8.34
N PRO D 43 -22.18 -6.28 -8.08
CA PRO D 43 -23.44 -5.97 -8.80
C PRO D 43 -23.32 -5.96 -10.33
N GLN D 44 -22.22 -5.44 -10.86
CA GLN D 44 -22.03 -5.27 -12.31
C GLN D 44 -21.77 -6.57 -13.09
N GLY D 45 -21.59 -7.68 -12.39
CA GLY D 45 -21.36 -8.98 -13.02
C GLY D 45 -19.91 -9.48 -13.02
N PHE D 46 -19.01 -8.68 -12.48
CA PHE D 46 -17.60 -9.04 -12.39
C PHE D 46 -17.25 -9.70 -11.06
N LEU D 47 -16.10 -10.37 -11.02
CA LEU D 47 -15.55 -10.89 -9.77
C LEU D 47 -15.33 -9.73 -8.80
N ASN D 48 -15.82 -9.91 -7.57
CA ASN D 48 -15.66 -8.93 -6.51
C ASN D 48 -14.21 -8.89 -6.03
N GLY D 49 -13.65 -7.70 -5.95
CA GLY D 49 -12.27 -7.52 -5.49
C GLY D 49 -12.07 -8.06 -4.09
N GLY D 50 -13.09 -7.90 -3.25
CA GLY D 50 -13.07 -8.39 -1.87
C GLY D 50 -12.85 -9.89 -1.78
N ALA D 51 -13.43 -10.63 -2.72
CA ALA D 51 -13.21 -12.07 -2.82
C ALA D 51 -11.74 -12.38 -3.12
N SER D 52 -11.13 -11.61 -4.02
CA SER D 52 -9.71 -11.78 -4.40
C SER D 52 -8.75 -11.45 -3.27
N LEU D 53 -9.08 -10.43 -2.48
CA LEU D 53 -8.31 -10.06 -1.30
C LEU D 53 -8.36 -11.16 -0.25
N ALA D 54 -9.57 -11.70 -0.03
CA ALA D 54 -9.80 -12.77 0.92
C ALA D 54 -8.99 -14.00 0.53
N LEU D 55 -9.06 -14.36 -0.76
CA LEU D 55 -8.30 -15.48 -1.29
C LEU D 55 -6.81 -15.35 -0.98
N ALA D 56 -6.26 -14.15 -1.19
CA ALA D 56 -4.84 -13.90 -0.98
C ALA D 56 -4.42 -13.96 0.49
N GLU D 57 -5.22 -13.33 1.37
CA GLU D 57 -4.91 -13.35 2.81
C GLU D 57 -5.00 -14.77 3.41
N ILE D 58 -6.00 -15.54 2.97
CA ILE D 58 -6.23 -16.89 3.46
C ILE D 58 -5.13 -17.86 3.01
N THR D 59 -4.93 -17.94 1.70
CA THR D 59 -3.93 -18.85 1.13
C THR D 59 -2.50 -18.50 1.56
N ALA D 60 -2.25 -17.21 1.82
CA ALA D 60 -0.97 -16.78 2.40
C ALA D 60 -0.83 -17.27 3.85
N GLY D 61 -1.94 -17.23 4.59
CA GLY D 61 -1.97 -17.72 5.97
C GLY D 61 -1.79 -19.22 6.03
N MSE D 62 -2.48 -19.93 5.15
CA MSE D 62 -2.36 -21.37 5.00
C MSE D 62 -0.93 -21.78 4.65
O MSE D 62 -0.39 -22.73 5.23
CB MSE D 62 -3.30 -21.89 3.92
CG MSE D 62 -4.79 -21.71 4.20
SE MSE D 62 -5.88 -22.41 2.72
CE MSE D 62 -5.54 -24.31 2.97
N ALA D 63 -0.34 -21.06 3.70
CA ALA D 63 1.00 -21.37 3.21
C ALA D 63 2.08 -21.14 4.25
N SER D 64 1.97 -20.04 5.01
CA SER D 64 2.89 -19.75 6.10
C SER D 64 2.85 -20.81 7.21
N ASN D 65 1.63 -21.21 7.60
CA ASN D 65 1.42 -22.22 8.63
C ASN D 65 2.00 -23.59 8.27
N ALA D 66 1.89 -23.95 6.99
CA ALA D 66 2.41 -25.22 6.49
C ALA D 66 3.95 -25.28 6.50
N ILE D 67 4.58 -24.11 6.38
CA ILE D 67 6.04 -24.00 6.47
C ILE D 67 6.52 -24.14 7.94
N GLY D 68 5.70 -23.60 8.90
CA GLY D 68 6.00 -23.64 10.28
C GLY D 68 5.95 -25.06 10.87
N SER D 69 4.98 -25.84 10.43
CA SER D 69 4.71 -27.22 10.91
C SER D 69 4.57 -27.32 12.43
N GLY D 70 3.63 -26.53 12.99
CA GLY D 70 3.31 -26.58 14.43
C GLY D 70 3.86 -25.45 15.27
N GLN D 71 5.00 -24.83 14.76
CA GLN D 71 5.77 -23.85 15.54
C GLN D 71 5.10 -22.50 15.73
N TYR D 72 4.25 -22.09 14.79
CA TYR D 72 3.55 -20.79 14.86
C TYR D 72 2.28 -20.72 14.02
N PHE D 73 1.37 -19.82 14.39
CA PHE D 73 0.21 -19.48 13.57
C PHE D 73 0.49 -18.20 12.77
N ALA D 74 -0.03 -18.12 11.55
CA ALA D 74 0.09 -16.93 10.73
C ALA D 74 -1.08 -16.00 10.96
N PHE D 75 -0.78 -14.70 11.06
CA PHE D 75 -1.81 -13.68 11.27
C PHE D 75 -1.51 -12.49 10.36
N GLY D 76 -2.40 -12.26 9.40
CA GLY D 76 -2.26 -11.15 8.46
C GLY D 76 -2.00 -9.83 9.18
N GLN D 77 -0.97 -9.11 8.75
CA GLN D 77 -0.54 -7.87 9.39
C GLN D 77 -0.79 -6.68 8.46
N SER D 78 -0.40 -6.84 7.21
CA SER D 78 -0.71 -5.85 6.20
C SER D 78 -0.92 -6.52 4.86
N ILE D 79 -1.69 -5.86 4.01
CA ILE D 79 -1.99 -6.37 2.67
C ILE D 79 -2.10 -5.20 1.71
N ASN D 80 -1.51 -5.37 0.53
CA ASN D 80 -1.66 -4.40 -0.55
C ASN D 80 -2.08 -5.10 -1.84
N ALA D 81 -3.04 -4.52 -2.54
CA ALA D 81 -3.53 -5.09 -3.79
C ALA D 81 -3.75 -4.03 -4.85
N ASN D 82 -3.45 -4.41 -6.09
CA ASN D 82 -3.80 -3.63 -7.26
C ASN D 82 -4.68 -4.48 -8.17
N HIS D 83 -5.91 -4.05 -8.39
CA HIS D 83 -6.80 -4.74 -9.33
C HIS D 83 -6.52 -4.21 -10.72
N LEU D 84 -5.95 -5.08 -11.56
CA LEU D 84 -5.41 -4.68 -12.85
C LEU D 84 -6.40 -4.85 -14.00
N ASN D 85 -7.02 -6.02 -14.07
CA ASN D 85 -7.96 -6.33 -15.14
C ASN D 85 -9.25 -6.94 -14.59
N PRO D 86 -10.40 -6.55 -15.16
CA PRO D 86 -11.68 -7.08 -14.69
C PRO D 86 -11.89 -8.51 -15.14
N LYS D 87 -12.34 -9.35 -14.22
CA LYS D 87 -12.66 -10.74 -14.51
C LYS D 87 -14.17 -10.92 -14.38
N LYS D 88 -14.80 -11.34 -15.47
CA LYS D 88 -16.21 -11.72 -15.43
C LYS D 88 -16.38 -12.91 -14.49
N CYS D 89 -17.37 -12.83 -13.61
CA CYS D 89 -17.53 -13.82 -12.54
C CYS D 89 -18.03 -15.17 -13.06
N GLU D 90 -17.10 -15.95 -13.60
CA GLU D 90 -17.36 -17.25 -14.18
C GLU D 90 -16.08 -18.08 -14.18
N GLY D 91 -16.21 -19.41 -14.23
CA GLY D 91 -15.06 -20.31 -14.26
C GLY D 91 -14.22 -20.25 -13.00
N PHE D 92 -12.92 -19.96 -13.15
CA PHE D 92 -11.99 -19.95 -12.02
C PHE D 92 -10.85 -18.95 -12.18
N VAL D 93 -10.23 -18.60 -11.06
CA VAL D 93 -8.95 -17.89 -11.04
C VAL D 93 -7.88 -18.73 -10.33
N ASN D 94 -6.62 -18.47 -10.66
CA ASN D 94 -5.48 -19.05 -9.97
C ASN D 94 -4.81 -18.02 -9.06
N ALA D 95 -4.57 -18.39 -7.81
CA ALA D 95 -3.77 -17.58 -6.90
C ALA D 95 -2.41 -18.24 -6.66
N ARG D 96 -1.37 -17.66 -7.26
CA ARG D 96 -0.02 -18.19 -7.11
C ARG D 96 0.83 -17.27 -6.24
N GLY D 97 1.54 -17.86 -5.28
CA GLY D 97 2.34 -17.09 -4.34
C GLY D 97 3.82 -17.40 -4.37
N LEU D 98 4.61 -16.37 -4.07
CA LEU D 98 6.05 -16.49 -3.91
C LEU D 98 6.45 -15.84 -2.59
N LEU D 99 7.21 -16.56 -1.77
CA LEU D 99 7.69 -16.03 -0.50
C LEU D 99 8.92 -15.14 -0.71
N LEU D 100 8.74 -13.84 -0.53
CA LEU D 100 9.83 -12.87 -0.72
C LEU D 100 10.80 -12.87 0.46
N LYS D 101 10.25 -12.92 1.67
N LYS D 101 10.26 -12.94 1.67
CA LYS D 101 11.05 -12.96 2.89
CA LYS D 101 11.07 -12.94 2.89
C LYS D 101 10.59 -14.05 3.85
C LYS D 101 10.60 -14.03 3.87
N ASN D 102 11.52 -14.92 4.20
CA ASN D 102 11.29 -15.97 5.18
C ASN D 102 11.93 -15.56 6.50
N GLY D 103 11.31 -14.60 7.19
CA GLY D 103 11.88 -14.03 8.41
C GLY D 103 11.50 -14.76 9.67
N LYS D 104 12.06 -14.32 10.79
CA LYS D 104 11.76 -14.90 12.10
C LYS D 104 10.39 -14.44 12.60
N ARG D 105 10.11 -13.15 12.43
CA ARG D 105 8.86 -12.55 12.89
C ARG D 105 7.80 -12.39 11.79
N ASN D 106 8.22 -12.34 10.53
CA ASN D 106 7.29 -12.10 9.42
C ASN D 106 7.54 -12.96 8.19
N HIS D 107 6.47 -13.18 7.44
CA HIS D 107 6.52 -13.72 6.08
C HIS D 107 5.97 -12.67 5.11
N VAL D 108 6.62 -12.49 3.98
CA VAL D 108 6.14 -11.58 2.95
C VAL D 108 5.85 -12.35 1.67
N TRP D 109 4.58 -12.41 1.30
CA TRP D 109 4.14 -13.17 0.13
C TRP D 109 3.78 -12.24 -1.02
N GLU D 110 4.40 -12.47 -2.18
CA GLU D 110 3.97 -11.85 -3.42
C GLU D 110 2.98 -12.80 -4.10
N ILE D 111 1.75 -12.32 -4.33
CA ILE D 111 0.67 -13.17 -4.84
C ILE D 111 0.07 -12.64 -6.15
N LYS D 112 0.01 -13.51 -7.15
CA LYS D 112 -0.57 -13.16 -8.44
C LYS D 112 -1.90 -13.87 -8.64
N ILE D 113 -2.95 -13.12 -8.94
CA ILE D 113 -4.25 -13.71 -9.28
C ILE D 113 -4.44 -13.64 -10.79
N THR D 114 -4.54 -14.80 -11.42
CA THR D 114 -4.66 -14.90 -12.87
C THR D 114 -5.91 -15.67 -13.26
N ASP D 115 -6.48 -15.33 -14.42
CA ASP D 115 -7.62 -16.08 -14.96
C ASP D 115 -7.13 -17.34 -15.74
N GLU D 116 -8.05 -17.98 -16.46
CA GLU D 116 -7.72 -19.20 -17.21
C GLU D 116 -6.80 -18.96 -18.42
N ASN D 117 -6.76 -17.72 -18.91
CA ASN D 117 -5.82 -17.33 -19.97
C ASN D 117 -4.50 -16.78 -19.44
N GLU D 118 -4.30 -16.89 -18.12
CA GLU D 118 -3.11 -16.36 -17.43
C GLU D 118 -2.99 -14.84 -17.52
N THR D 119 -4.11 -14.16 -17.70
CA THR D 119 -4.16 -12.70 -17.65
C THR D 119 -4.13 -12.30 -16.18
N LEU D 120 -3.20 -11.40 -15.83
CA LEU D 120 -3.09 -10.94 -14.44
C LEU D 120 -4.29 -10.09 -14.06
N ILE D 121 -5.09 -10.60 -13.13
CA ILE D 121 -6.30 -9.94 -12.63
C ILE D 121 -5.97 -9.05 -11.43
N SER D 122 -5.20 -9.59 -10.48
CA SER D 122 -4.74 -8.82 -9.33
C SER D 122 -3.35 -9.26 -8.88
N GLN D 123 -2.56 -8.27 -8.46
CA GLN D 123 -1.27 -8.51 -7.82
C GLN D 123 -1.45 -8.09 -6.37
N ILE D 124 -1.07 -8.96 -5.44
CA ILE D 124 -1.33 -8.75 -4.01
C ILE D 124 -0.11 -9.14 -3.15
N THR D 125 0.28 -8.25 -2.24
CA THR D 125 1.34 -8.55 -1.27
C THR D 125 0.76 -8.66 0.13
N VAL D 126 1.03 -9.79 0.78
CA VAL D 126 0.57 -10.04 2.13
C VAL D 126 1.75 -10.21 3.07
N VAL D 127 1.78 -9.40 4.12
CA VAL D 127 2.72 -9.59 5.23
C VAL D 127 1.98 -10.32 6.36
N ASN D 128 2.48 -11.50 6.71
CA ASN D 128 1.96 -12.28 7.83
C ASN D 128 2.83 -12.10 9.07
N ALA D 129 2.20 -11.85 10.21
CA ALA D 129 2.88 -11.93 11.50
C ALA D 129 3.00 -13.40 11.90
N LEU D 130 4.12 -13.74 12.51
CA LEU D 130 4.37 -15.09 12.97
C LEU D 130 4.30 -15.13 14.50
N VAL D 131 3.18 -15.66 15.03
CA VAL D 131 2.92 -15.64 16.48
C VAL D 131 3.29 -16.93 17.21
#